data_3X3G
#
_entry.id   3X3G
#
_cell.length_a   153.001
_cell.length_b   165.383
_cell.length_c   65.297
_cell.angle_alpha   90.00
_cell.angle_beta   90.00
_cell.angle_gamma   90.00
#
_symmetry.space_group_name_H-M   'C 2 2 21'
#
loop_
_entity.id
_entity.type
_entity.pdbx_description
1 polymer 'Heavy chain of KMTR2'
2 polymer 'Light chain of KMTR2'
3 non-polymer 2-acetamido-2-deoxy-beta-D-glucopyranose
4 non-polymer 'CHLORIDE ION'
5 non-polymer 'SULFATE ION'
6 water water
#
loop_
_entity_poly.entity_id
_entity_poly.type
_entity_poly.pdbx_seq_one_letter_code
_entity_poly.pdbx_strand_id
1 'polypeptide(L)'
;QVQLVQSGAEMKKPGASVKVSCKTSGYTFTNYKINWVRQAPGQGLEWMGWMNPDTDSTGYPQKFQGRVTMTRNTSISTAY
MELSSLRSEDTAVYYCARSYGSGSYYRDYYYGMDVWGQGTTVTVSSASTKGPSVFPLAPCSRSTSESTAALGCLVKDYFP
EPVTVSWNSGALTSGVHTFPAVLQSSGLYSLSSVVTVPSSSLGTKTYTCNVDHKPSNTKVDKRVESKYG
;
H
2 'polypeptide(L)'
;EIVLTQSPATLSLSPGERATLSCRASQSVSSYLAWYQQKPGQAPRLLIYDASNRATGIPARFSGSGSGTDFTLTISSLEP
EDFAVYYCQQRSNWPLTFGGGTKVEIKRTVAAPSVFIFPPSDEQLKSGTASVVCLLNNFYPREAKVQWKVDNALQSGNSQ
ESVTEQDSKDSTYSLSSTLTLSKADYEKHKVYACEVTHQGLSSPVTKSFNRGEC
;
L
#
# COMPACT_ATOMS: atom_id res chain seq x y z
N GLN A 1 -17.99 -13.18 20.49
CA GLN A 1 -16.71 -12.71 19.87
C GLN A 1 -16.62 -11.33 19.14
N VAL A 2 -15.47 -10.69 19.31
CA VAL A 2 -15.33 -9.25 19.16
C VAL A 2 -15.11 -8.78 17.73
N GLN A 3 -15.98 -7.92 17.25
CA GLN A 3 -15.74 -7.35 15.94
C GLN A 3 -16.06 -5.88 15.86
N LEU A 4 -15.27 -5.17 15.03
CA LEU A 4 -15.61 -3.82 14.66
C LEU A 4 -15.81 -3.83 13.16
N VAL A 5 -17.02 -3.43 12.72
CA VAL A 5 -17.31 -3.44 11.30
C VAL A 5 -17.63 -2.02 10.79
N GLN A 6 -16.74 -1.51 9.93
CA GLN A 6 -16.90 -0.14 9.45
C GLN A 6 -17.63 -0.08 8.10
N SER A 7 -18.12 1.10 7.72
CA SER A 7 -18.89 1.21 6.51
C SER A 7 -17.97 1.23 5.28
N GLY A 8 -18.57 1.29 4.07
CA GLY A 8 -17.85 1.15 2.79
C GLY A 8 -17.02 2.36 2.34
N ALA A 9 -16.12 2.12 1.39
CA ALA A 9 -15.32 3.19 0.77
C ALA A 9 -16.20 4.40 0.36
N GLU A 10 -15.68 5.60 0.55
CA GLU A 10 -16.37 6.81 0.14
C GLU A 10 -15.46 7.62 -0.76
N MET A 11 -16.03 8.39 -1.66
CA MET A 11 -15.27 9.39 -2.43
C MET A 11 -15.91 10.74 -2.21
N LYS A 12 -15.11 11.79 -2.11
CA LYS A 12 -15.63 13.10 -1.76
C LYS A 12 -14.90 14.22 -2.48
N LYS A 13 -15.64 15.28 -2.79
CA LYS A 13 -15.04 16.50 -3.37
C LYS A 13 -14.37 17.34 -2.26
N PRO A 14 -13.30 18.08 -2.59
CA PRO A 14 -12.75 18.95 -1.54
C PRO A 14 -13.82 19.95 -1.01
N GLY A 15 -13.85 20.21 0.29
CA GLY A 15 -14.86 21.09 0.85
C GLY A 15 -15.97 20.31 1.55
N ALA A 16 -16.27 19.11 1.08
CA ALA A 16 -17.38 18.32 1.60
C ALA A 16 -16.97 17.67 2.92
N SER A 17 -17.88 16.92 3.51
CA SER A 17 -17.54 16.14 4.68
C SER A 17 -17.88 14.65 4.52
N VAL A 18 -17.36 13.83 5.43
CA VAL A 18 -17.46 12.38 5.41
C VAL A 18 -17.76 11.90 6.82
N LYS A 19 -18.68 10.94 6.92
CA LYS A 19 -19.06 10.36 8.17
C LYS A 19 -18.83 8.86 8.06
N VAL A 20 -17.97 8.28 8.90
CA VAL A 20 -17.68 6.87 8.83
C VAL A 20 -18.25 6.20 10.07
N SER A 21 -18.92 5.08 9.90
CA SER A 21 -19.54 4.45 11.06
C SER A 21 -18.78 3.18 11.44
N CYS A 22 -18.92 2.76 12.68
CA CYS A 22 -18.21 1.59 13.18
C CYS A 22 -19.13 0.82 14.12
N LYS A 23 -19.68 -0.29 13.63
CA LYS A 23 -20.59 -1.15 14.38
C LYS A 23 -19.82 -2.24 15.17
N THR A 24 -20.03 -2.30 16.47
CA THR A 24 -19.26 -3.19 17.33
C THR A 24 -20.14 -4.30 17.81
N SER A 25 -19.55 -5.46 18.04
CA SER A 25 -20.30 -6.51 18.73
C SER A 25 -19.36 -7.49 19.45
N GLY A 26 -19.94 -8.31 20.36
CA GLY A 26 -19.21 -9.32 21.11
C GLY A 26 -18.79 -8.82 22.49
N TYR A 27 -19.16 -7.58 22.83
CA TYR A 27 -18.73 -7.00 24.09
C TYR A 27 -19.64 -5.86 24.54
N THR A 28 -19.51 -5.39 25.79
CA THR A 28 -20.34 -4.26 26.21
C THR A 28 -19.79 -2.96 25.63
N PHE A 29 -20.50 -2.46 24.64
CA PHE A 29 -20.06 -1.30 23.88
C PHE A 29 -19.60 -0.15 24.79
N THR A 30 -20.37 0.01 25.85
CA THR A 30 -20.33 1.09 26.77
C THR A 30 -19.15 1.01 27.77
N ASN A 31 -18.27 0.01 27.64
CA ASN A 31 -17.15 -0.19 28.56
C ASN A 31 -15.75 0.00 27.96
N TYR A 32 -15.66 0.37 26.69
CA TYR A 32 -14.37 0.53 26.06
C TYR A 32 -14.36 1.84 25.31
N LYS A 33 -13.19 2.43 25.14
CA LYS A 33 -13.15 3.64 24.39
C LYS A 33 -13.09 3.30 22.90
N ILE A 34 -13.51 4.22 22.06
CA ILE A 34 -13.36 4.07 20.66
C ILE A 34 -12.37 5.10 20.14
N ASN A 35 -11.40 4.67 19.34
CA ASN A 35 -10.39 5.52 18.78
C ASN A 35 -10.56 5.55 17.28
N TRP A 36 -10.06 6.61 16.65
CA TRP A 36 -10.09 6.68 15.21
C TRP A 36 -8.67 6.97 14.78
N VAL A 37 -8.16 6.26 13.81
CA VAL A 37 -6.76 6.37 13.45
C VAL A 37 -6.69 6.33 11.97
N ARG A 38 -5.99 7.27 11.35
CA ARG A 38 -5.95 7.21 9.88
C ARG A 38 -4.58 6.93 9.32
N GLN A 39 -4.55 6.45 8.09
CA GLN A 39 -3.29 6.13 7.41
C GLN A 39 -3.37 6.50 5.92
N ALA A 40 -2.51 7.42 5.49
CA ALA A 40 -2.52 7.86 4.09
C ALA A 40 -1.68 6.88 3.23
N PRO A 41 -2.08 6.69 1.97
CA PRO A 41 -1.34 5.77 1.08
C PRO A 41 0.20 5.88 1.25
N GLY A 42 0.84 4.78 1.63
CA GLY A 42 2.30 4.74 1.77
C GLY A 42 2.85 5.26 3.09
N GLN A 43 2.00 5.91 3.89
CA GLN A 43 2.43 6.63 5.08
C GLN A 43 2.21 5.83 6.34
N GLY A 44 2.48 6.45 7.48
CA GLY A 44 2.29 5.85 8.79
C GLY A 44 0.92 6.17 9.36
N LEU A 45 0.86 6.25 10.69
CA LEU A 45 -0.41 6.23 11.39
C LEU A 45 -0.65 7.51 12.16
N GLU A 46 -1.87 8.01 12.19
CA GLU A 46 -2.15 9.25 12.92
C GLU A 46 -3.43 9.19 13.74
N TRP A 47 -3.29 9.29 15.05
CA TRP A 47 -4.41 9.27 15.97
C TRP A 47 -5.27 10.49 15.78
N MET A 48 -6.59 10.31 15.77
CA MET A 48 -7.51 11.38 15.48
C MET A 48 -8.36 11.72 16.68
N GLY A 49 -8.21 10.97 17.77
CA GLY A 49 -8.99 11.22 18.96
C GLY A 49 -9.78 10.01 19.45
N TRP A 50 -10.53 10.23 20.51
CA TRP A 50 -11.27 9.15 21.02
C TRP A 50 -12.53 9.63 21.68
N MET A 51 -13.33 8.65 22.09
CA MET A 51 -14.61 8.86 22.70
C MET A 51 -14.96 7.74 23.64
N ASN A 52 -15.67 8.08 24.70
CA ASN A 52 -16.12 7.14 25.69
C ASN A 52 -17.61 7.04 25.51
N PRO A 53 -18.09 5.88 25.00
CA PRO A 53 -19.52 5.72 24.70
C PRO A 53 -20.37 5.83 25.96
N ASP A 54 -19.79 5.44 27.07
CA ASP A 54 -20.44 5.46 28.36
C ASP A 54 -20.87 6.86 28.84
N THR A 55 -20.02 7.86 28.61
CA THR A 55 -20.23 9.19 29.17
C THR A 55 -20.48 10.18 28.06
N ASP A 56 -20.22 9.76 26.82
CA ASP A 56 -20.34 10.62 25.67
C ASP A 56 -19.24 11.67 25.60
N SER A 57 -18.11 11.42 26.25
CA SER A 57 -17.00 12.34 26.22
C SER A 57 -16.25 12.18 24.87
N THR A 58 -15.53 13.23 24.45
CA THR A 58 -14.76 13.18 23.21
C THR A 58 -13.47 13.91 23.51
N GLY A 59 -12.42 13.63 22.76
CA GLY A 59 -11.20 14.40 22.86
C GLY A 59 -10.45 14.27 21.55
N TYR A 60 -9.92 15.38 21.03
CA TYR A 60 -9.20 15.37 19.76
C TYR A 60 -7.92 16.14 19.87
N PRO A 61 -6.86 15.68 19.22
CA PRO A 61 -5.65 16.43 19.08
C PRO A 61 -5.94 17.83 18.50
N GLN A 62 -5.09 18.81 18.81
CA GLN A 62 -5.31 20.20 18.37
C GLN A 62 -5.42 20.27 16.85
N LYS A 63 -4.57 19.50 16.18
CA LYS A 63 -4.57 19.33 14.72
C LYS A 63 -5.99 19.27 14.15
N PHE A 64 -6.87 18.52 14.82
CA PHE A 64 -8.21 18.26 14.32
C PHE A 64 -9.32 19.04 14.98
N GLN A 65 -9.01 19.94 15.90
CA GLN A 65 -10.06 20.71 16.57
C GLN A 65 -10.90 21.41 15.56
N GLY A 66 -12.20 21.32 15.74
CA GLY A 66 -13.14 21.96 14.83
C GLY A 66 -13.48 21.15 13.60
N ARG A 67 -12.72 20.10 13.29
CA ARG A 67 -12.94 19.36 12.06
C ARG A 67 -13.49 17.96 12.26
N VAL A 68 -13.14 17.36 13.39
CA VAL A 68 -13.61 16.04 13.74
C VAL A 68 -14.73 16.07 14.75
N THR A 69 -15.76 15.24 14.53
CA THR A 69 -16.81 15.06 15.50
C THR A 69 -17.02 13.57 15.70
N MET A 70 -17.09 13.14 16.96
CA MET A 70 -17.34 11.74 17.24
C MET A 70 -18.59 11.63 18.06
N THR A 71 -19.41 10.64 17.71
CA THR A 71 -20.74 10.49 18.26
C THR A 71 -21.00 8.97 18.32
N ARG A 72 -22.05 8.59 19.01
CA ARG A 72 -22.32 7.20 19.24
C ARG A 72 -23.84 7.02 19.31
N ASN A 73 -24.31 5.83 18.97
CA ASN A 73 -25.68 5.45 19.28
C ASN A 73 -25.52 4.15 20.03
N THR A 74 -25.83 4.18 21.32
CA THR A 74 -25.65 3.05 22.22
C THR A 74 -26.60 1.95 21.83
N SER A 75 -27.85 2.33 21.55
CA SER A 75 -28.87 1.31 21.23
C SER A 75 -28.43 0.35 20.10
N ILE A 76 -27.63 0.82 19.15
CA ILE A 76 -27.13 -0.07 18.11
C ILE A 76 -25.62 -0.28 18.13
N SER A 77 -24.99 -0.02 19.28
CA SER A 77 -23.54 -0.22 19.46
C SER A 77 -22.70 0.30 18.33
N THR A 78 -22.97 1.49 17.80
CA THR A 78 -22.13 1.94 16.71
C THR A 78 -21.53 3.32 17.01
N ALA A 79 -20.24 3.46 16.68
CA ALA A 79 -19.52 4.73 16.82
C ALA A 79 -19.49 5.41 15.48
N TYR A 80 -19.34 6.73 15.46
CA TYR A 80 -19.26 7.47 14.21
C TYR A 80 -18.19 8.51 14.32
N MET A 81 -17.52 8.73 13.20
CA MET A 81 -16.56 9.78 13.08
C MET A 81 -16.87 10.60 11.83
N GLU A 82 -17.09 11.89 12.02
CA GLU A 82 -17.25 12.79 10.91
C GLU A 82 -16.06 13.74 10.78
N LEU A 83 -15.56 13.89 9.56
CA LEU A 83 -14.47 14.81 9.26
C LEU A 83 -14.95 15.85 8.24
N SER A 84 -14.84 17.13 8.59
CA SER A 84 -15.28 18.15 7.65
C SER A 84 -14.18 18.97 6.99
N SER A 85 -14.57 19.83 6.05
CA SER A 85 -13.63 20.67 5.28
C SER A 85 -12.50 19.88 4.62
N LEU A 86 -12.89 18.79 3.96
CA LEU A 86 -11.94 17.85 3.38
C LEU A 86 -11.09 18.51 2.32
N ARG A 87 -9.82 18.12 2.34
CA ARG A 87 -8.82 18.53 1.38
C ARG A 87 -8.29 17.22 0.87
N SER A 88 -7.59 17.24 -0.25
CA SER A 88 -7.12 16.01 -0.85
C SER A 88 -6.10 15.29 0.05
N GLU A 89 -5.46 16.02 0.96
CA GLU A 89 -4.53 15.40 1.93
C GLU A 89 -5.26 14.59 3.02
N ASP A 90 -6.59 14.63 3.05
CA ASP A 90 -7.34 13.79 3.95
C ASP A 90 -7.65 12.41 3.38
N THR A 91 -7.19 12.17 2.16
CA THR A 91 -7.26 10.89 1.52
C THR A 91 -6.48 9.92 2.39
N ALA A 92 -7.15 8.89 2.90
CA ALA A 92 -6.51 7.92 3.79
C ALA A 92 -7.44 6.74 3.99
N VAL A 93 -6.92 5.67 4.60
CA VAL A 93 -7.75 4.67 5.23
C VAL A 93 -7.98 5.10 6.68
N TYR A 94 -9.24 5.15 7.10
CA TYR A 94 -9.65 5.46 8.49
C TYR A 94 -10.04 4.22 9.24
N TYR A 95 -9.43 4.01 10.40
CA TYR A 95 -9.77 2.88 11.28
C TYR A 95 -10.44 3.32 12.57
N CYS A 96 -11.40 2.54 13.06
CA CYS A 96 -11.82 2.65 14.46
C CYS A 96 -11.05 1.56 15.17
N ALA A 97 -10.67 1.82 16.40
CA ALA A 97 -10.02 0.80 17.19
C ALA A 97 -10.48 0.96 18.65
N ARG A 98 -10.55 -0.13 19.36
CA ARG A 98 -11.10 -0.08 20.68
C ARG A 98 -9.97 -0.13 21.69
N SER A 99 -10.14 0.58 22.80
CA SER A 99 -9.20 0.46 23.93
C SER A 99 -9.92 0.50 25.27
N TYR A 100 -9.30 -0.09 26.27
CA TYR A 100 -9.89 -0.28 27.58
C TYR A 100 -10.46 1.04 28.16
N GLY A 101 -11.63 1.02 28.79
CA GLY A 101 -12.29 2.25 29.23
C GLY A 101 -11.82 2.71 30.57
N SER A 102 -12.53 3.69 31.14
CA SER A 102 -12.16 4.22 32.45
C SER A 102 -11.83 3.08 33.43
N GLY A 103 -10.67 3.15 34.06
CA GLY A 103 -9.70 4.22 33.87
C GLY A 103 -8.68 4.03 34.97
N SER A 104 -9.12 3.34 36.02
CA SER A 104 -8.38 3.16 37.28
C SER A 104 -6.86 3.20 37.12
N TYR A 105 -6.28 4.37 37.43
CA TYR A 105 -4.83 4.64 37.34
C TYR A 105 -4.31 4.73 35.88
N TYR A 106 -4.99 5.56 35.07
CA TYR A 106 -4.60 5.79 33.68
C TYR A 106 -4.55 4.52 32.85
N ARG A 107 -5.32 3.52 33.25
CA ARG A 107 -5.26 2.25 32.52
C ARG A 107 -5.68 2.40 31.05
N ASP A 108 -6.44 3.45 30.76
CA ASP A 108 -6.81 3.79 29.37
C ASP A 108 -5.61 4.21 28.45
N TYR A 109 -4.50 4.64 29.05
CA TYR A 109 -3.23 4.73 28.32
C TYR A 109 -2.32 3.51 28.58
N TYR A 110 -2.45 2.93 29.76
CA TYR A 110 -1.70 1.72 30.09
C TYR A 110 -1.87 0.68 28.98
N TYR A 111 -3.11 0.43 28.55
CA TYR A 111 -3.35 -0.62 27.53
C TYR A 111 -3.46 0.03 26.19
N GLY A 112 -3.16 -0.70 25.15
CA GLY A 112 -3.31 -0.11 23.82
C GLY A 112 -4.57 -0.49 23.06
N MET A 113 -4.51 -0.26 21.75
CA MET A 113 -5.63 -0.49 20.87
C MET A 113 -5.60 -1.93 20.38
N ASP A 114 -6.48 -2.74 20.95
CA ASP A 114 -6.37 -4.19 20.75
C ASP A 114 -7.17 -4.80 19.62
N VAL A 115 -8.39 -4.32 19.39
CA VAL A 115 -9.17 -4.71 18.22
C VAL A 115 -9.56 -3.52 17.32
N TRP A 116 -9.44 -3.76 16.01
CA TRP A 116 -9.52 -2.77 14.97
C TRP A 116 -10.58 -3.17 13.96
N GLY A 117 -11.27 -2.20 13.39
CA GLY A 117 -12.15 -2.40 12.29
C GLY A 117 -11.33 -2.67 11.05
N GLN A 118 -11.97 -3.00 9.96
CA GLN A 118 -11.21 -3.48 8.82
C GLN A 118 -10.65 -2.30 8.01
N GLY A 119 -11.07 -1.07 8.38
CA GLY A 119 -10.70 0.14 7.67
C GLY A 119 -11.71 0.61 6.64
N THR A 120 -11.68 1.90 6.33
CA THR A 120 -12.57 2.52 5.36
C THR A 120 -11.71 3.49 4.53
N THR A 121 -11.54 3.22 3.24
CA THR A 121 -10.79 4.06 2.36
C THR A 121 -11.64 5.27 2.01
N VAL A 122 -11.19 6.46 2.41
CA VAL A 122 -11.83 7.72 1.96
C VAL A 122 -10.95 8.43 0.94
N THR A 123 -11.54 8.90 -0.15
CA THR A 123 -10.78 9.51 -1.21
C THR A 123 -11.31 10.90 -1.52
N VAL A 124 -10.44 11.89 -1.35
CA VAL A 124 -10.84 13.26 -1.58
C VAL A 124 -10.10 13.69 -2.82
N SER A 125 -10.87 14.11 -3.82
CA SER A 125 -10.32 14.45 -5.10
C SER A 125 -11.39 15.20 -5.82
N SER A 126 -11.00 16.01 -6.78
CA SER A 126 -12.03 16.68 -7.52
C SER A 126 -12.42 15.85 -8.75
N ALA A 127 -11.72 14.73 -8.97
CA ALA A 127 -12.09 13.81 -10.06
C ALA A 127 -13.51 13.23 -9.87
N SER A 128 -14.01 12.54 -10.89
CA SER A 128 -15.36 11.96 -10.88
C SER A 128 -15.35 10.50 -11.32
N THR A 129 -16.36 9.72 -10.96
CA THR A 129 -16.35 8.34 -11.36
C THR A 129 -16.12 8.18 -12.87
N LYS A 130 -15.13 7.37 -13.22
CA LYS A 130 -14.83 7.04 -14.58
C LYS A 130 -14.27 5.63 -14.68
N GLY A 131 -14.79 4.84 -15.61
CA GLY A 131 -14.29 3.51 -15.86
C GLY A 131 -12.96 3.53 -16.58
N PRO A 132 -12.21 2.43 -16.52
CA PRO A 132 -10.87 2.40 -17.17
C PRO A 132 -10.98 1.99 -18.62
N SER A 133 -10.01 2.35 -19.43
CA SER A 133 -9.83 1.68 -20.72
C SER A 133 -8.61 0.79 -20.59
N VAL A 134 -8.72 -0.39 -21.18
CA VAL A 134 -7.74 -1.42 -21.05
C VAL A 134 -7.01 -1.54 -22.41
N PHE A 135 -5.69 -1.42 -22.37
CA PHE A 135 -4.86 -1.58 -23.56
C PHE A 135 -3.92 -2.78 -23.43
N PRO A 136 -3.64 -3.48 -24.53
CA PRO A 136 -2.78 -4.66 -24.42
C PRO A 136 -1.30 -4.32 -24.29
N LEU A 137 -0.55 -5.14 -23.60
CA LEU A 137 0.89 -5.01 -23.55
C LEU A 137 1.48 -6.26 -24.15
N ALA A 138 2.01 -6.12 -25.35
CA ALA A 138 2.54 -7.25 -26.12
C ALA A 138 3.95 -6.91 -26.61
N PRO A 139 4.83 -7.92 -26.72
CA PRO A 139 6.20 -7.67 -27.20
C PRO A 139 6.20 -7.28 -28.67
N CYS A 140 7.33 -6.82 -29.20
CA CYS A 140 7.36 -6.40 -30.60
C CYS A 140 7.33 -7.49 -31.64
N SER A 141 7.85 -8.66 -31.30
CA SER A 141 7.62 -9.87 -32.12
C SER A 141 7.65 -11.12 -31.24
N ARG A 142 7.82 -12.29 -31.87
CA ARG A 142 8.10 -13.53 -31.16
C ARG A 142 9.59 -13.88 -31.28
N SER A 143 10.36 -13.40 -30.30
CA SER A 143 11.83 -13.24 -30.36
C SER A 143 12.66 -14.52 -30.49
N THR A 144 13.89 -14.35 -30.99
CA THR A 144 14.84 -15.44 -31.16
C THR A 144 15.84 -15.50 -29.98
N SER A 147 13.34 -18.84 -24.84
CA SER A 147 13.47 -18.03 -23.64
C SER A 147 12.15 -18.12 -22.82
N THR A 148 11.74 -17.01 -22.20
CA THR A 148 10.35 -16.84 -21.71
C THR A 148 9.86 -15.45 -22.14
N ALA A 149 8.54 -15.27 -22.20
CA ALA A 149 7.97 -14.03 -22.72
C ALA A 149 7.07 -13.43 -21.68
N ALA A 150 6.56 -12.24 -21.96
CA ALA A 150 5.74 -11.51 -21.00
C ALA A 150 4.66 -10.75 -21.74
N LEU A 151 3.45 -10.74 -21.17
CA LEU A 151 2.36 -9.97 -21.75
C LEU A 151 1.58 -9.25 -20.69
N GLY A 152 0.67 -8.39 -21.11
CA GLY A 152 0.02 -7.60 -20.07
C GLY A 152 -1.15 -6.77 -20.51
N CYS A 153 -1.75 -6.13 -19.51
CA CYS A 153 -2.90 -5.26 -19.62
C CYS A 153 -2.54 -3.96 -18.97
N LEU A 154 -2.83 -2.87 -19.67
CA LEU A 154 -2.66 -1.58 -19.05
C LEU A 154 -4.04 -1.01 -18.80
N VAL A 155 -4.33 -0.78 -17.53
CA VAL A 155 -5.64 -0.33 -17.11
C VAL A 155 -5.53 1.18 -16.84
N LYS A 156 -5.87 1.97 -17.84
CA LYS A 156 -5.57 3.39 -17.78
C LYS A 156 -6.81 4.24 -17.51
N ASP A 157 -6.63 5.27 -16.69
CA ASP A 157 -7.61 6.36 -16.54
C ASP A 157 -8.94 6.00 -15.91
N TYR A 158 -8.90 5.56 -14.64
CA TYR A 158 -10.13 5.29 -13.90
C TYR A 158 -10.16 6.01 -12.57
N PHE A 159 -11.34 6.02 -11.95
CA PHE A 159 -11.52 6.64 -10.66
C PHE A 159 -12.87 6.22 -10.10
N PRO A 160 -12.88 5.82 -8.81
CA PRO A 160 -11.74 5.79 -7.87
C PRO A 160 -11.02 4.43 -7.87
N GLU A 161 -10.20 4.16 -6.87
CA GLU A 161 -9.70 2.82 -6.69
C GLU A 161 -10.83 2.03 -6.01
N PRO A 162 -10.80 0.68 -6.07
CA PRO A 162 -9.78 -0.19 -6.63
C PRO A 162 -10.17 -0.79 -7.98
N VAL A 163 -9.24 -1.55 -8.54
CA VAL A 163 -9.43 -2.35 -9.74
C VAL A 163 -8.94 -3.78 -9.44
N THR A 164 -9.67 -4.81 -9.86
CA THR A 164 -9.15 -6.18 -9.76
C THR A 164 -8.84 -6.70 -11.17
N VAL A 165 -7.79 -7.50 -11.29
CA VAL A 165 -7.41 -8.07 -12.56
C VAL A 165 -7.06 -9.54 -12.38
N SER A 166 -7.73 -10.43 -13.09
CA SER A 166 -7.24 -11.80 -13.23
C SER A 166 -6.92 -12.13 -14.71
N TRP A 167 -6.48 -13.36 -14.95
CA TRP A 167 -6.10 -13.81 -16.26
C TRP A 167 -6.79 -15.12 -16.58
N ASN A 168 -7.24 -15.24 -17.84
CA ASN A 168 -8.05 -16.36 -18.33
C ASN A 168 -9.13 -16.76 -17.33
N SER A 169 -9.93 -15.78 -16.91
CA SER A 169 -11.03 -15.97 -15.97
C SER A 169 -10.57 -16.58 -14.61
N GLY A 170 -9.37 -16.25 -14.15
CA GLY A 170 -8.88 -16.79 -12.88
C GLY A 170 -8.07 -18.08 -12.96
N ALA A 171 -8.14 -18.78 -14.09
CA ALA A 171 -7.39 -20.04 -14.30
C ALA A 171 -5.88 -19.88 -14.43
N LEU A 172 -5.38 -18.65 -14.62
CA LEU A 172 -3.96 -18.43 -14.77
C LEU A 172 -3.45 -17.54 -13.65
N THR A 173 -2.55 -18.12 -12.86
CA THR A 173 -2.16 -17.64 -11.53
C THR A 173 -0.65 -17.48 -11.40
N SER A 174 0.08 -18.52 -11.81
CA SER A 174 1.52 -18.57 -11.70
C SER A 174 2.11 -17.62 -12.72
N GLY A 175 2.94 -16.69 -12.24
CA GLY A 175 3.61 -15.69 -13.09
C GLY A 175 2.97 -14.32 -13.15
N VAL A 176 1.85 -14.12 -12.44
CA VAL A 176 1.13 -12.86 -12.53
C VAL A 176 1.73 -11.89 -11.52
N HIS A 177 2.03 -10.67 -11.99
CA HIS A 177 2.24 -9.56 -11.08
C HIS A 177 1.27 -8.47 -11.42
N THR A 178 0.46 -8.09 -10.45
CA THR A 178 -0.39 -6.94 -10.63
C THR A 178 0.14 -5.85 -9.75
N PHE A 179 0.42 -4.70 -10.38
CA PHE A 179 1.17 -3.62 -9.75
C PHE A 179 0.24 -2.68 -8.99
N PRO A 180 0.75 -2.01 -7.94
CA PRO A 180 -0.04 -0.95 -7.30
C PRO A 180 -0.33 0.14 -8.34
N ALA A 181 -1.53 0.69 -8.29
CA ALA A 181 -1.90 1.82 -9.12
C ALA A 181 -1.03 3.05 -8.86
N VAL A 182 -0.72 3.79 -9.91
CA VAL A 182 -0.16 5.12 -9.74
C VAL A 182 -1.25 6.18 -9.90
N LEU A 183 -1.10 7.28 -9.17
CA LEU A 183 -1.94 8.45 -9.38
C LEU A 183 -1.33 9.39 -10.42
N GLN A 184 -2.08 9.62 -11.49
CA GLN A 184 -1.61 10.52 -12.56
C GLN A 184 -1.95 11.97 -12.22
N SER A 185 -1.26 12.91 -12.87
CA SER A 185 -1.46 14.36 -12.55
C SER A 185 -2.84 14.90 -13.00
N SER A 186 -3.50 14.17 -13.89
CA SER A 186 -4.88 14.45 -14.26
C SER A 186 -5.91 14.02 -13.20
N GLY A 187 -5.46 13.46 -12.08
CA GLY A 187 -6.40 12.99 -11.06
C GLY A 187 -6.97 11.59 -11.26
N LEU A 188 -6.57 10.92 -12.33
CA LEU A 188 -7.05 9.57 -12.63
C LEU A 188 -5.97 8.52 -12.35
N TYR A 189 -6.39 7.30 -12.02
CA TYR A 189 -5.45 6.26 -11.66
C TYR A 189 -5.06 5.42 -12.85
N SER A 190 -3.93 4.74 -12.73
CA SER A 190 -3.50 3.82 -13.78
C SER A 190 -2.66 2.68 -13.22
N LEU A 191 -2.87 1.46 -13.72
CA LEU A 191 -2.06 0.33 -13.32
C LEU A 191 -1.84 -0.68 -14.43
N SER A 192 -0.85 -1.54 -14.22
CA SER A 192 -0.57 -2.55 -15.20
C SER A 192 -0.54 -3.88 -14.50
N SER A 193 -0.74 -4.96 -15.27
CA SER A 193 -0.77 -6.32 -14.77
C SER A 193 -0.10 -7.17 -15.83
N VAL A 194 0.85 -8.00 -15.42
CA VAL A 194 1.68 -8.75 -16.36
C VAL A 194 1.78 -10.23 -16.02
N VAL A 195 2.08 -11.06 -17.03
CA VAL A 195 2.30 -12.48 -16.82
C VAL A 195 3.50 -12.99 -17.61
N THR A 196 4.38 -13.75 -16.96
CA THR A 196 5.53 -14.34 -17.64
C THR A 196 5.20 -15.77 -17.98
N VAL A 197 5.25 -16.09 -19.27
CA VAL A 197 5.01 -17.43 -19.78
C VAL A 197 6.16 -17.91 -20.66
N PRO A 198 6.36 -19.24 -20.74
CA PRO A 198 7.41 -19.77 -21.62
C PRO A 198 7.08 -19.52 -23.10
N SER A 199 8.08 -19.13 -23.89
CA SER A 199 7.90 -18.80 -25.30
C SER A 199 7.17 -19.87 -26.13
N SER A 200 7.56 -21.13 -25.94
CA SER A 200 7.04 -22.24 -26.73
C SER A 200 5.51 -22.31 -26.76
N SER A 201 4.88 -21.57 -25.86
CA SER A 201 3.43 -21.61 -25.71
C SER A 201 2.67 -20.41 -26.27
N LEU A 202 3.39 -19.35 -26.67
CA LEU A 202 2.76 -18.13 -27.23
C LEU A 202 1.68 -18.33 -28.31
N GLY A 203 2.02 -18.96 -29.43
CA GLY A 203 1.03 -19.11 -30.51
C GLY A 203 -0.02 -20.18 -30.26
N THR A 204 0.04 -20.83 -29.09
CA THR A 204 -0.77 -22.02 -28.83
C THR A 204 -1.95 -21.84 -27.88
N LYS A 205 -1.89 -20.84 -27.00
CA LYS A 205 -3.03 -20.54 -26.14
C LYS A 205 -3.37 -19.06 -26.15
N THR A 206 -4.64 -18.75 -25.92
CA THR A 206 -5.09 -17.37 -25.80
C THR A 206 -4.84 -16.87 -24.38
N TYR A 207 -4.48 -15.60 -24.28
CA TYR A 207 -4.32 -14.93 -22.99
C TYR A 207 -5.21 -13.73 -22.94
N THR A 208 -6.15 -13.75 -22.00
CA THR A 208 -7.11 -12.68 -21.79
C THR A 208 -6.89 -12.13 -20.40
N CYS A 209 -7.01 -10.82 -20.22
CA CYS A 209 -7.13 -10.34 -18.85
C CYS A 209 -8.51 -9.80 -18.58
N ASN A 210 -8.92 -9.98 -17.32
CA ASN A 210 -10.25 -9.67 -16.87
C ASN A 210 -10.16 -8.57 -15.87
N VAL A 211 -10.77 -7.44 -16.22
CA VAL A 211 -10.60 -6.21 -15.47
C VAL A 211 -11.97 -5.82 -15.00
N ASP A 212 -12.08 -5.59 -13.69
CA ASP A 212 -13.34 -5.22 -13.06
C ASP A 212 -13.15 -3.93 -12.28
N HIS A 213 -14.04 -2.97 -12.54
CA HIS A 213 -14.04 -1.74 -11.81
C HIS A 213 -15.43 -1.49 -11.25
N LYS A 214 -15.67 -1.98 -10.05
CA LYS A 214 -17.05 -1.92 -9.50
C LYS A 214 -17.63 -0.51 -9.25
N PRO A 215 -16.80 0.50 -8.95
CA PRO A 215 -17.42 1.81 -8.71
C PRO A 215 -18.08 2.42 -9.94
N SER A 216 -17.59 2.08 -11.13
CA SER A 216 -18.22 2.53 -12.39
C SER A 216 -19.06 1.42 -13.01
N ASN A 217 -19.07 0.25 -12.36
CA ASN A 217 -19.82 -0.91 -12.83
C ASN A 217 -19.37 -1.38 -14.21
N THR A 218 -18.06 -1.43 -14.43
CA THR A 218 -17.59 -1.88 -15.74
C THR A 218 -16.65 -3.07 -15.60
N LYS A 219 -16.88 -4.05 -16.49
CA LYS A 219 -15.97 -5.20 -16.66
C LYS A 219 -15.56 -5.34 -18.12
N VAL A 220 -14.31 -5.72 -18.32
CA VAL A 220 -13.73 -5.77 -19.63
C VAL A 220 -12.88 -7.00 -19.74
N ASP A 221 -13.19 -7.88 -20.71
CA ASP A 221 -12.27 -8.97 -21.03
C ASP A 221 -11.50 -8.59 -22.26
N LYS A 222 -10.18 -8.52 -22.13
CA LYS A 222 -9.32 -8.08 -23.23
C LYS A 222 -8.30 -9.13 -23.69
N ARG A 223 -8.36 -9.50 -24.97
CA ARG A 223 -7.39 -10.41 -25.58
C ARG A 223 -6.02 -9.78 -25.81
N VAL A 224 -4.96 -10.49 -25.42
CA VAL A 224 -3.58 -10.08 -25.73
C VAL A 224 -2.86 -11.07 -26.68
N GLU A 225 -2.16 -10.55 -27.67
CA GLU A 225 -1.39 -11.37 -28.65
C GLU A 225 -0.37 -10.47 -29.34
N SER A 226 0.57 -11.06 -30.08
CA SER A 226 1.52 -10.28 -30.89
C SER A 226 1.35 -10.57 -32.38
N GLU B 1 4.90 18.64 20.82
CA GLU B 1 4.47 17.21 20.82
C GLU B 1 5.67 16.25 20.71
N ILE B 2 5.58 15.11 21.39
CA ILE B 2 6.67 14.15 21.45
C ILE B 2 6.85 13.51 20.07
N VAL B 3 8.09 13.45 19.59
CA VAL B 3 8.41 12.84 18.29
C VAL B 3 9.08 11.52 18.58
N LEU B 4 8.63 10.46 17.90
CA LEU B 4 9.26 9.13 18.04
C LEU B 4 10.02 8.73 16.79
N THR B 5 11.28 8.34 16.93
CA THR B 5 12.12 8.00 15.78
C THR B 5 12.39 6.52 15.76
N GLN B 6 12.07 5.85 14.65
CA GLN B 6 12.38 4.43 14.53
C GLN B 6 13.59 4.14 13.63
N SER B 7 14.53 3.33 14.12
CA SER B 7 15.77 2.95 13.41
C SER B 7 15.97 1.45 13.23
N PRO B 8 16.50 1.05 12.06
CA PRO B 8 16.50 1.84 10.83
C PRO B 8 15.09 1.76 10.25
N ALA B 9 14.82 2.38 9.12
CA ALA B 9 13.48 2.27 8.54
C ALA B 9 13.26 0.93 7.83
N THR B 10 14.35 0.26 7.49
CA THR B 10 14.34 -0.94 6.68
C THR B 10 15.32 -1.94 7.24
N LEU B 11 14.91 -3.20 7.30
CA LEU B 11 15.71 -4.25 7.88
C LEU B 11 15.59 -5.52 7.03
N SER B 12 16.71 -6.06 6.60
CA SER B 12 16.67 -7.24 5.77
C SER B 12 17.28 -8.40 6.51
N LEU B 13 16.47 -9.41 6.82
CA LEU B 13 16.92 -10.53 7.64
C LEU B 13 16.35 -11.83 7.12
N SER B 14 17.00 -12.95 7.43
CA SER B 14 16.50 -14.26 7.03
C SER B 14 15.54 -14.86 8.05
N PRO B 15 14.64 -15.75 7.62
CA PRO B 15 13.85 -16.45 8.64
C PRO B 15 14.78 -17.10 9.65
N GLY B 16 14.44 -17.00 10.94
CA GLY B 16 15.20 -17.68 12.00
C GLY B 16 16.14 -16.78 12.78
N GLU B 17 16.53 -15.68 12.14
CA GLU B 17 17.40 -14.69 12.74
C GLU B 17 16.64 -13.86 13.75
N ARG B 18 17.35 -13.25 14.71
CA ARG B 18 16.69 -12.35 15.64
C ARG B 18 16.48 -10.96 15.01
N ALA B 19 15.46 -10.25 15.46
CA ALA B 19 15.26 -8.90 15.04
C ALA B 19 15.26 -7.95 16.23
N THR B 20 15.97 -6.84 16.08
CA THR B 20 16.07 -5.82 17.11
C THR B 20 15.61 -4.49 16.54
N LEU B 21 14.50 -3.99 17.02
CA LEU B 21 13.99 -2.75 16.48
C LEU B 21 14.07 -1.64 17.53
N SER B 22 14.41 -0.41 17.11
CA SER B 22 14.64 0.69 18.03
C SER B 22 13.55 1.78 17.96
N CYS B 23 13.08 2.23 19.11
CA CYS B 23 12.22 3.43 19.16
C CYS B 23 12.80 4.45 20.14
N ARG B 24 13.17 5.61 19.62
CA ARG B 24 13.68 6.77 20.39
C ARG B 24 12.64 7.89 20.49
N ALA B 25 12.36 8.34 21.71
CA ALA B 25 11.46 9.49 21.94
C ALA B 25 12.18 10.83 22.24
N SER B 26 11.66 11.94 21.68
CA SER B 26 12.31 13.24 21.84
C SER B 26 12.35 13.71 23.29
N GLN B 27 11.31 13.39 24.05
CA GLN B 27 11.34 13.56 25.50
C GLN B 27 10.80 12.27 26.17
N SER B 28 10.92 12.15 27.47
CA SER B 28 10.54 10.94 28.18
C SER B 28 9.04 10.64 28.12
N VAL B 29 8.73 9.36 27.98
CA VAL B 29 7.38 8.89 27.88
C VAL B 29 7.16 7.85 28.95
N SER B 30 8.08 7.80 29.91
CA SER B 30 7.99 6.88 31.02
C SER B 30 7.98 5.45 30.45
N SER B 31 6.89 4.71 30.62
CA SER B 31 6.81 3.37 30.06
C SER B 31 5.56 3.25 29.19
N TYR B 32 4.87 4.35 28.96
CA TYR B 32 3.72 4.29 28.13
C TYR B 32 4.12 4.19 26.64
N LEU B 33 4.59 3.01 26.26
CA LEU B 33 4.96 2.80 24.90
C LEU B 33 4.35 1.49 24.39
N ALA B 34 3.71 1.52 23.20
CA ALA B 34 3.11 0.32 22.60
C ALA B 34 3.74 -0.03 21.26
N TRP B 35 3.81 -1.32 20.94
CA TRP B 35 4.15 -1.72 19.58
C TRP B 35 2.99 -2.37 18.81
N TYR B 36 2.89 -2.03 17.53
CA TYR B 36 1.95 -2.65 16.67
C TYR B 36 2.67 -3.21 15.47
N GLN B 37 2.07 -4.26 14.93
CA GLN B 37 2.51 -4.91 13.70
C GLN B 37 1.47 -4.65 12.61
N GLN B 38 1.91 -4.39 11.39
CA GLN B 38 0.97 -4.24 10.28
C GLN B 38 1.46 -4.92 9.02
N LYS B 39 0.59 -5.73 8.42
CA LYS B 39 0.87 -6.32 7.11
C LYS B 39 -0.02 -5.59 6.11
N PRO B 40 0.39 -5.57 4.82
CA PRO B 40 -0.32 -4.86 3.72
C PRO B 40 -1.81 -5.23 3.59
N GLY B 41 -2.67 -4.22 3.56
CA GLY B 41 -4.11 -4.42 3.41
C GLY B 41 -4.79 -4.83 4.69
N GLN B 42 -4.09 -4.69 5.80
CA GLN B 42 -4.61 -5.13 7.08
C GLN B 42 -4.44 -4.04 8.11
N ALA B 43 -5.38 -4.00 9.06
CA ALA B 43 -5.33 -3.20 10.24
C ALA B 43 -4.09 -3.56 11.06
N PRO B 44 -3.54 -2.59 11.80
CA PRO B 44 -2.44 -2.89 12.71
C PRO B 44 -2.89 -3.87 13.77
N ARG B 45 -1.94 -4.57 14.38
CA ARG B 45 -2.19 -5.52 15.46
C ARG B 45 -1.33 -5.16 16.66
N LEU B 46 -1.92 -5.03 17.85
CA LEU B 46 -1.15 -4.74 19.10
C LEU B 46 -0.23 -5.91 19.48
N LEU B 47 1.07 -5.66 19.71
CA LEU B 47 1.98 -6.71 20.23
C LEU B 47 2.35 -6.51 21.69
N ILE B 48 2.74 -5.28 22.02
CA ILE B 48 3.29 -4.94 23.33
C ILE B 48 2.58 -3.71 23.83
N TYR B 49 2.21 -3.70 25.08
CA TYR B 49 1.70 -2.47 25.69
C TYR B 49 2.50 -2.22 26.94
N ASP B 50 2.58 -0.97 27.38
CA ASP B 50 3.40 -0.54 28.48
C ASP B 50 4.84 -1.06 28.33
N ALA B 51 5.39 -0.87 27.14
CA ALA B 51 6.83 -1.07 26.93
C ALA B 51 7.27 -2.52 26.92
N SER B 52 6.73 -3.33 27.85
CA SER B 52 7.13 -4.74 27.92
C SER B 52 6.07 -5.85 28.17
N ASN B 53 4.79 -5.50 28.27
CA ASN B 53 3.75 -6.54 28.39
C ASN B 53 3.22 -6.99 27.06
N ARG B 54 3.32 -8.29 26.81
CA ARG B 54 2.74 -8.92 25.63
C ARG B 54 1.23 -8.86 25.66
N ALA B 55 0.61 -8.45 24.57
CA ALA B 55 -0.86 -8.48 24.50
C ALA B 55 -1.41 -9.91 24.53
N THR B 56 -2.66 -10.05 24.95
CA THR B 56 -3.33 -11.37 24.94
C THR B 56 -3.11 -12.09 23.63
N GLY B 57 -2.75 -13.37 23.72
CA GLY B 57 -2.50 -14.20 22.54
C GLY B 57 -1.24 -13.97 21.73
N ILE B 58 -0.48 -12.89 21.97
CA ILE B 58 0.83 -12.70 21.31
C ILE B 58 1.89 -13.75 21.68
N PRO B 59 2.51 -14.37 20.68
CA PRO B 59 3.53 -15.43 20.94
C PRO B 59 4.80 -14.91 21.61
N ALA B 60 5.42 -15.76 22.43
CA ALA B 60 6.57 -15.40 23.29
C ALA B 60 7.85 -14.89 22.60
N ARG B 61 8.03 -15.12 21.30
CA ARG B 61 9.24 -14.67 20.62
C ARG B 61 9.33 -13.13 20.50
N PHE B 62 8.21 -12.43 20.72
CA PHE B 62 8.20 -10.97 20.79
C PHE B 62 8.34 -10.59 22.25
N SER B 63 9.20 -9.61 22.53
CA SER B 63 9.22 -8.95 23.83
C SER B 63 9.85 -7.58 23.64
N GLY B 64 9.41 -6.63 24.45
CA GLY B 64 9.93 -5.28 24.40
C GLY B 64 10.54 -4.83 25.70
N SER B 65 11.47 -3.90 25.60
CA SER B 65 12.13 -3.37 26.79
C SER B 65 12.44 -1.88 26.66
N GLY B 66 12.92 -1.30 27.75
CA GLY B 66 13.25 0.10 27.76
C GLY B 66 12.24 0.87 28.59
N SER B 67 12.59 2.13 28.88
CA SER B 67 11.70 3.08 29.55
C SER B 67 12.24 4.51 29.32
N GLY B 68 11.44 5.50 29.69
CA GLY B 68 11.75 6.91 29.43
C GLY B 68 11.88 7.22 27.95
N THR B 69 13.05 6.97 27.40
CA THR B 69 13.38 7.54 26.09
C THR B 69 13.80 6.52 25.03
N ASP B 70 14.29 5.37 25.46
CA ASP B 70 14.85 4.43 24.52
C ASP B 70 14.15 3.07 24.67
N PHE B 71 13.67 2.54 23.55
CA PHE B 71 12.90 1.32 23.60
C PHE B 71 13.30 0.31 22.54
N THR B 72 13.27 -0.96 22.91
CA THR B 72 13.53 -2.03 21.97
C THR B 72 12.37 -3.01 21.89
N LEU B 73 12.05 -3.41 20.67
CA LEU B 73 11.19 -4.57 20.40
C LEU B 73 12.06 -5.67 19.80
N THR B 74 12.06 -6.83 20.45
CA THR B 74 12.86 -7.97 20.03
C THR B 74 11.99 -9.13 19.53
N ILE B 75 12.25 -9.56 18.30
CA ILE B 75 11.62 -10.72 17.73
C ILE B 75 12.74 -11.74 17.77
N SER B 76 12.62 -12.73 18.67
CA SER B 76 13.79 -13.54 19.05
C SER B 76 14.26 -14.48 17.94
N SER B 77 13.31 -14.88 17.10
CA SER B 77 13.58 -15.70 15.94
C SER B 77 12.43 -15.59 14.96
N LEU B 78 12.76 -15.17 13.74
CA LEU B 78 11.82 -14.67 12.76
C LEU B 78 11.11 -15.79 11.98
N GLU B 79 9.77 -15.76 12.03
CA GLU B 79 8.97 -16.69 11.24
CA GLU B 79 8.88 -16.67 11.28
C GLU B 79 8.38 -15.96 10.01
N PRO B 80 8.07 -16.71 8.93
CA PRO B 80 7.55 -15.99 7.76
C PRO B 80 6.43 -14.99 8.04
N GLU B 81 5.58 -15.28 9.00
CA GLU B 81 4.48 -14.36 9.35
C GLU B 81 4.97 -13.04 9.98
N ASP B 82 6.24 -12.98 10.36
CA ASP B 82 6.75 -11.83 11.10
C ASP B 82 7.38 -10.74 10.25
N PHE B 83 7.41 -10.95 8.95
CA PHE B 83 7.86 -9.94 8.03
C PHE B 83 6.70 -9.00 7.76
N ALA B 84 6.79 -7.81 8.34
CA ALA B 84 5.78 -6.79 8.23
C ALA B 84 6.41 -5.45 8.57
N VAL B 85 5.55 -4.43 8.71
CA VAL B 85 5.97 -3.13 9.23
C VAL B 85 5.69 -3.12 10.75
N TYR B 86 6.59 -2.56 11.57
CA TYR B 86 6.32 -2.41 13.02
C TYR B 86 6.27 -0.92 13.38
N TYR B 87 5.26 -0.54 14.15
CA TYR B 87 5.14 0.85 14.64
C TYR B 87 5.23 0.91 16.16
N CYS B 88 5.82 1.98 16.70
CA CYS B 88 5.78 2.23 18.14
C CYS B 88 4.79 3.35 18.37
N GLN B 89 4.23 3.44 19.57
CA GLN B 89 3.27 4.48 19.83
C GLN B 89 3.40 4.93 21.28
N GLN B 90 3.55 6.22 21.48
CA GLN B 90 3.73 6.69 22.84
C GLN B 90 2.36 7.08 23.35
N ARG B 91 2.14 6.85 24.63
CA ARG B 91 0.83 6.98 25.14
C ARG B 91 0.90 7.78 26.45
N SER B 92 1.91 8.65 26.59
CA SER B 92 1.96 9.50 27.80
C SER B 92 1.37 10.85 27.58
N ASN B 93 1.46 11.36 26.38
CA ASN B 93 1.24 12.76 26.17
C ASN B 93 0.59 12.94 24.83
N TRP B 94 -0.44 13.77 24.79
CA TRP B 94 -1.18 14.05 23.57
C TRP B 94 -0.35 14.85 22.59
N PRO B 95 -0.62 14.70 21.27
CA PRO B 95 -1.49 13.64 20.78
C PRO B 95 -0.67 12.38 20.77
N LEU B 96 -1.31 11.24 20.95
CA LEU B 96 -0.59 10.00 20.99
C LEU B 96 0.06 9.88 19.63
N THR B 97 1.37 9.74 19.60
CA THR B 97 2.10 9.81 18.33
C THR B 97 2.63 8.45 18.05
N PHE B 98 2.75 8.15 16.77
CA PHE B 98 3.33 6.90 16.33
C PHE B 98 4.66 7.25 15.71
N GLY B 99 5.61 6.31 15.73
CA GLY B 99 6.82 6.44 14.92
C GLY B 99 6.53 6.17 13.46
N GLY B 100 7.55 6.38 12.63
CA GLY B 100 7.48 6.16 11.17
C GLY B 100 7.46 4.72 10.67
N GLY B 101 7.71 3.75 11.54
CA GLY B 101 7.65 2.35 11.12
C GLY B 101 9.00 1.82 10.69
N THR B 102 9.31 0.59 11.06
CA THR B 102 10.44 -0.14 10.49
C THR B 102 9.85 -1.26 9.64
N LYS B 103 10.35 -1.43 8.42
CA LYS B 103 9.92 -2.51 7.60
C LYS B 103 10.93 -3.64 7.72
N VAL B 104 10.46 -4.80 8.18
CA VAL B 104 11.26 -6.03 8.20
C VAL B 104 10.96 -6.86 6.96
N GLU B 105 11.98 -7.01 6.11
CA GLU B 105 11.90 -7.70 4.81
C GLU B 105 12.84 -8.88 4.78
N ILE B 106 12.60 -9.80 3.84
CA ILE B 106 13.34 -11.06 3.75
C ILE B 106 14.61 -10.89 2.94
N LYS B 107 15.74 -11.35 3.48
CA LYS B 107 17.00 -11.38 2.74
C LYS B 107 17.18 -12.68 1.95
N ARG B 108 17.65 -12.56 0.71
CA ARG B 108 17.96 -13.73 -0.15
C ARG B 108 19.12 -13.42 -1.09
N THR B 109 19.55 -14.41 -1.86
CA THR B 109 20.67 -14.21 -2.78
C THR B 109 20.31 -13.14 -3.82
N VAL B 110 21.29 -12.36 -4.24
CA VAL B 110 21.08 -11.40 -5.34
C VAL B 110 20.50 -12.08 -6.59
N ALA B 111 19.46 -11.49 -7.16
CA ALA B 111 18.87 -12.00 -8.41
C ALA B 111 18.65 -10.92 -9.47
N ALA B 112 19.30 -11.08 -10.61
CA ALA B 112 19.18 -10.14 -11.73
C ALA B 112 17.75 -10.06 -12.27
N PRO B 113 17.31 -8.87 -12.75
CA PRO B 113 15.96 -8.81 -13.35
C PRO B 113 15.94 -9.25 -14.80
N SER B 114 14.81 -9.78 -15.25
CA SER B 114 14.54 -9.95 -16.68
C SER B 114 13.82 -8.70 -17.13
N VAL B 115 14.25 -8.12 -18.26
CA VAL B 115 13.67 -6.86 -18.74
C VAL B 115 12.85 -7.07 -20.00
N PHE B 116 11.67 -6.45 -20.01
CA PHE B 116 10.78 -6.43 -21.16
C PHE B 116 10.29 -5.03 -21.41
N ILE B 117 10.06 -4.72 -22.68
CA ILE B 117 9.55 -3.43 -23.10
C ILE B 117 8.33 -3.61 -24.00
N PHE B 118 7.32 -2.76 -23.82
CA PHE B 118 6.08 -2.82 -24.62
C PHE B 118 5.75 -1.50 -25.31
N PRO B 119 5.55 -1.50 -26.62
CA PRO B 119 5.17 -0.25 -27.28
C PRO B 119 3.73 0.09 -26.99
N PRO B 120 3.31 1.35 -27.18
CA PRO B 120 1.90 1.61 -27.01
C PRO B 120 1.15 0.85 -28.08
N SER B 121 -0.07 0.41 -27.77
CA SER B 121 -0.92 -0.28 -28.74
C SER B 121 -1.46 0.67 -29.78
N ASP B 122 -1.88 0.11 -30.90
CA ASP B 122 -2.68 0.85 -31.87
C ASP B 122 -4.02 1.34 -31.30
N GLU B 123 -4.71 0.49 -30.52
CA GLU B 123 -5.89 0.89 -29.75
C GLU B 123 -5.68 2.27 -29.07
N GLN B 124 -4.55 2.41 -28.36
CA GLN B 124 -4.35 3.59 -27.54
C GLN B 124 -3.94 4.84 -28.34
N LEU B 125 -3.26 4.63 -29.47
CA LEU B 125 -2.86 5.75 -30.34
C LEU B 125 -4.03 6.62 -30.84
N LYS B 126 -5.19 6.01 -31.09
CA LYS B 126 -6.40 6.77 -31.47
C LYS B 126 -6.81 7.92 -30.50
N SER B 127 -6.32 7.91 -29.27
CA SER B 127 -6.72 8.91 -28.28
C SER B 127 -5.83 10.13 -28.26
N GLY B 128 -4.65 10.02 -28.85
CA GLY B 128 -3.69 11.12 -28.77
C GLY B 128 -2.74 11.01 -27.58
N THR B 129 -2.67 9.82 -26.99
CA THR B 129 -1.64 9.55 -25.99
C THR B 129 -0.91 8.24 -26.28
N ALA B 130 0.37 8.18 -25.92
CA ALA B 130 1.13 6.95 -26.05
C ALA B 130 1.73 6.61 -24.71
N SER B 131 1.54 5.37 -24.28
CA SER B 131 2.16 4.88 -23.06
C SER B 131 3.10 3.76 -23.47
N VAL B 132 4.34 3.83 -23.01
CA VAL B 132 5.35 2.81 -23.27
C VAL B 132 5.65 2.18 -21.90
N VAL B 133 5.56 0.85 -21.81
CA VAL B 133 5.83 0.19 -20.53
C VAL B 133 7.16 -0.59 -20.53
N CYS B 134 7.86 -0.51 -19.42
CA CYS B 134 9.04 -1.30 -19.19
C CYS B 134 8.80 -2.19 -18.00
N LEU B 135 9.17 -3.46 -18.11
CA LEU B 135 8.96 -4.37 -16.99
C LEU B 135 10.28 -4.97 -16.51
N LEU B 136 10.57 -4.77 -15.23
CA LEU B 136 11.65 -5.49 -14.55
C LEU B 136 11.00 -6.59 -13.70
N ASN B 137 11.35 -7.84 -13.99
CA ASN B 137 10.67 -8.96 -13.38
C ASN B 137 11.60 -9.74 -12.47
N ASN B 138 11.14 -10.01 -11.26
CA ASN B 138 11.79 -10.96 -10.33
C ASN B 138 13.22 -10.65 -9.92
N PHE B 139 13.45 -9.48 -9.32
CA PHE B 139 14.81 -9.11 -8.93
C PHE B 139 14.93 -8.91 -7.45
N TYR B 140 16.16 -9.05 -6.95
CA TYR B 140 16.48 -8.71 -5.58
C TYR B 140 17.91 -8.21 -5.53
N PRO B 141 18.16 -7.11 -4.78
CA PRO B 141 17.35 -6.32 -3.82
C PRO B 141 16.42 -5.35 -4.53
N ARG B 142 15.77 -4.47 -3.77
CA ARG B 142 14.78 -3.54 -4.34
C ARG B 142 15.36 -2.41 -5.22
N GLU B 143 16.60 -2.00 -4.94
CA GLU B 143 17.18 -0.86 -5.64
C GLU B 143 17.44 -1.22 -7.11
N ALA B 144 16.97 -0.36 -8.00
CA ALA B 144 17.15 -0.54 -9.42
C ALA B 144 17.03 0.82 -10.05
N LYS B 145 17.86 1.09 -11.05
CA LYS B 145 17.68 2.27 -11.87
C LYS B 145 17.02 1.85 -13.19
N VAL B 146 15.95 2.52 -13.56
CA VAL B 146 15.37 2.41 -14.90
C VAL B 146 15.47 3.77 -15.59
N GLN B 147 16.02 3.77 -16.82
CA GLN B 147 16.25 5.00 -17.56
C GLN B 147 15.56 4.93 -18.92
N TRP B 148 14.74 5.94 -19.23
CA TRP B 148 14.06 6.05 -20.51
C TRP B 148 14.83 6.89 -21.53
N LYS B 149 15.13 6.28 -22.69
CA LYS B 149 15.75 6.96 -23.82
C LYS B 149 14.84 6.92 -25.05
N VAL B 150 14.69 8.07 -25.69
CA VAL B 150 13.93 8.22 -26.91
C VAL B 150 14.85 8.88 -27.90
N ASP B 151 15.20 8.15 -28.96
CA ASP B 151 16.22 8.61 -29.92
C ASP B 151 17.49 9.11 -29.21
N ASN B 152 17.99 8.31 -28.27
CA ASN B 152 19.07 8.67 -27.34
C ASN B 152 18.83 9.75 -26.28
N ALA B 153 17.74 10.51 -26.40
CA ALA B 153 17.43 11.55 -25.44
C ALA B 153 16.89 10.95 -24.17
N LEU B 154 17.58 11.22 -23.07
CA LEU B 154 17.08 10.85 -21.77
C LEU B 154 15.81 11.64 -21.43
N GLN B 155 14.81 10.90 -20.95
CA GLN B 155 13.50 11.38 -20.48
C GLN B 155 13.49 11.36 -18.94
N SER B 156 13.30 12.53 -18.34
CA SER B 156 13.23 12.65 -16.91
C SER B 156 11.92 13.32 -16.56
N GLY B 157 11.25 12.80 -15.52
CA GLY B 157 9.97 13.29 -15.03
C GLY B 157 8.70 13.12 -15.88
N ASN B 158 8.73 12.29 -16.93
CA ASN B 158 7.52 12.04 -17.70
C ASN B 158 7.19 10.56 -17.69
N SER B 159 7.64 9.91 -16.61
CA SER B 159 7.39 8.51 -16.37
C SER B 159 7.05 8.26 -14.90
N GLN B 160 6.14 7.33 -14.65
CA GLN B 160 5.82 6.92 -13.30
C GLN B 160 6.12 5.44 -13.15
N GLU B 161 6.34 5.00 -11.92
CA GLU B 161 6.62 3.58 -11.71
C GLU B 161 6.03 3.01 -10.42
N SER B 162 5.81 1.70 -10.39
CA SER B 162 5.60 1.10 -9.11
C SER B 162 6.18 -0.29 -9.00
N VAL B 163 6.15 -0.81 -7.78
CA VAL B 163 6.90 -1.98 -7.40
C VAL B 163 5.97 -2.85 -6.59
N THR B 164 6.02 -4.16 -6.81
CA THR B 164 5.23 -5.11 -6.01
C THR B 164 5.87 -5.28 -4.66
N GLU B 165 5.09 -5.74 -3.69
CA GLU B 165 5.60 -6.27 -2.43
C GLU B 165 6.51 -7.46 -2.71
N GLN B 166 7.38 -7.80 -1.78
CA GLN B 166 8.18 -9.02 -1.86
C GLN B 166 7.31 -10.26 -2.15
N ASP B 167 7.73 -11.07 -3.12
CA ASP B 167 6.93 -12.17 -3.67
C ASP B 167 6.74 -13.33 -2.71
N SER B 168 5.49 -13.77 -2.60
CA SER B 168 5.07 -14.91 -1.79
C SER B 168 6.08 -16.09 -1.75
N LYS B 169 6.46 -16.58 -2.94
CA LYS B 169 7.21 -17.83 -3.12
C LYS B 169 8.73 -17.68 -3.03
N ASP B 170 9.29 -16.71 -3.75
CA ASP B 170 10.76 -16.58 -3.88
C ASP B 170 11.35 -15.23 -3.41
N SER B 171 10.54 -14.43 -2.71
CA SER B 171 10.98 -13.19 -2.06
C SER B 171 11.61 -12.17 -3.01
N THR B 172 11.12 -12.17 -4.24
CA THR B 172 11.64 -11.34 -5.30
C THR B 172 10.82 -10.06 -5.40
N TYR B 173 11.32 -9.03 -6.07
CA TYR B 173 10.50 -7.84 -6.32
C TYR B 173 10.27 -7.71 -7.82
N SER B 174 9.18 -7.05 -8.22
CA SER B 174 8.97 -6.67 -9.65
C SER B 174 8.59 -5.19 -9.83
N LEU B 175 8.93 -4.64 -10.99
CA LEU B 175 8.77 -3.20 -11.23
C LEU B 175 8.23 -2.86 -12.62
N SER B 176 7.28 -1.94 -12.65
CA SER B 176 6.62 -1.50 -13.88
C SER B 176 6.82 0.00 -14.08
N SER B 177 7.29 0.41 -15.24
CA SER B 177 7.50 1.83 -15.50
C SER B 177 6.77 2.29 -16.76
N THR B 178 6.02 3.38 -16.62
CA THR B 178 5.23 3.93 -17.73
C THR B 178 5.65 5.33 -18.15
N LEU B 179 6.20 5.38 -19.36
CA LEU B 179 6.62 6.62 -20.03
C LEU B 179 5.41 7.06 -20.84
N THR B 180 4.95 8.28 -20.64
CA THR B 180 3.80 8.70 -21.42
C THR B 180 4.15 9.91 -22.28
N LEU B 181 3.80 9.82 -23.55
CA LEU B 181 4.04 10.89 -24.46
C LEU B 181 2.75 11.22 -25.16
N SER B 182 2.65 12.44 -25.69
CA SER B 182 1.56 12.72 -26.59
C SER B 182 1.74 11.88 -27.86
N LYS B 183 0.65 11.62 -28.56
CA LYS B 183 0.72 10.97 -29.88
C LYS B 183 1.68 11.70 -30.81
N ALA B 184 1.57 13.02 -30.90
CA ALA B 184 2.46 13.82 -31.80
C ALA B 184 3.94 13.57 -31.50
N ASP B 185 4.30 13.60 -30.22
CA ASP B 185 5.66 13.32 -29.77
C ASP B 185 6.11 11.90 -30.18
N TYR B 186 5.31 10.91 -29.79
CA TYR B 186 5.60 9.53 -30.15
C TYR B 186 5.84 9.28 -31.64
N GLU B 187 5.01 9.86 -32.50
CA GLU B 187 5.03 9.54 -33.93
C GLU B 187 6.23 10.19 -34.59
N LYS B 188 6.75 11.25 -33.97
CA LYS B 188 7.88 12.01 -34.48
C LYS B 188 9.25 11.37 -34.20
N HIS B 189 9.31 10.32 -33.41
CA HIS B 189 10.61 9.70 -33.16
C HIS B 189 10.57 8.21 -33.56
N LYS B 190 11.75 7.58 -33.63
CA LYS B 190 11.84 6.19 -34.07
C LYS B 190 12.29 5.16 -33.00
N VAL B 191 13.40 5.39 -32.30
CA VAL B 191 13.93 4.42 -31.29
C VAL B 191 13.49 4.68 -29.82
N TYR B 192 12.97 3.65 -29.17
CA TYR B 192 12.51 3.76 -27.76
C TYR B 192 13.21 2.72 -26.93
N ALA B 193 13.83 3.13 -25.83
CA ALA B 193 14.63 2.19 -25.06
C ALA B 193 14.50 2.32 -23.54
N CYS B 194 14.85 1.23 -22.88
CA CYS B 194 14.68 1.09 -21.46
C CYS B 194 15.99 0.58 -20.91
N GLU B 195 16.75 1.41 -20.23
CA GLU B 195 17.99 0.91 -19.67
C GLU B 195 17.84 0.70 -18.18
N VAL B 196 18.19 -0.50 -17.74
CA VAL B 196 18.10 -0.77 -16.32
C VAL B 196 19.43 -1.23 -15.74
N THR B 197 19.71 -0.68 -14.55
CA THR B 197 20.90 -0.94 -13.75
C THR B 197 20.49 -1.67 -12.49
N HIS B 198 21.13 -2.81 -12.25
CA HIS B 198 20.86 -3.59 -11.04
C HIS B 198 22.09 -4.33 -10.55
N GLN B 199 22.24 -4.43 -9.23
CA GLN B 199 23.33 -5.17 -8.60
C GLN B 199 23.67 -6.53 -9.26
N GLY B 200 22.64 -7.21 -9.77
CA GLY B 200 22.77 -8.58 -10.31
C GLY B 200 23.33 -8.76 -11.71
N LEU B 201 23.64 -7.64 -12.36
CA LEU B 201 24.24 -7.68 -13.69
C LEU B 201 25.43 -6.74 -13.74
N SER B 202 26.58 -7.28 -14.13
CA SER B 202 27.82 -6.47 -14.21
C SER B 202 27.83 -5.52 -15.41
N SER B 203 26.70 -5.45 -16.13
CA SER B 203 26.55 -4.56 -17.28
C SER B 203 25.10 -4.04 -17.42
N PRO B 204 24.91 -2.71 -17.52
CA PRO B 204 23.59 -2.09 -17.74
C PRO B 204 22.84 -2.64 -18.97
N VAL B 205 21.66 -3.21 -18.74
CA VAL B 205 20.87 -3.91 -19.76
C VAL B 205 19.84 -2.99 -20.43
N THR B 206 19.75 -3.09 -21.76
CA THR B 206 18.90 -2.21 -22.54
C THR B 206 17.97 -3.05 -23.39
N LYS B 207 16.68 -2.71 -23.35
CA LYS B 207 15.69 -3.29 -24.27
C LYS B 207 15.10 -2.15 -25.07
N SER B 208 15.08 -2.30 -26.38
CA SER B 208 14.51 -1.27 -27.23
C SER B 208 13.64 -1.84 -28.33
N PHE B 209 12.88 -0.98 -29.01
CA PHE B 209 12.16 -1.34 -30.24
C PHE B 209 12.09 -0.13 -31.18
N ASN B 210 11.81 -0.36 -32.46
CA ASN B 210 11.65 0.73 -33.43
C ASN B 210 10.19 1.03 -33.74
N ARG B 211 9.73 2.25 -33.47
CA ARG B 211 8.37 2.63 -33.85
C ARG B 211 8.04 2.25 -35.29
N GLY B 212 6.88 1.62 -35.50
CA GLY B 212 6.45 1.24 -36.85
C GLY B 212 7.30 0.20 -37.59
N GLU B 213 8.43 -0.16 -36.98
CA GLU B 213 9.31 -1.23 -37.48
C GLU B 213 9.05 -2.46 -36.61
N CYS B 214 7.89 -2.46 -35.96
CA CYS B 214 7.33 -3.62 -35.28
C CYS B 214 6.15 -4.13 -36.11
#